data_7OTU
#
_entry.id   7OTU
#
_cell.length_a   77.893
_cell.length_b   116.724
_cell.length_c   61.898
_cell.angle_alpha   90.000
_cell.angle_beta   90.000
_cell.angle_gamma   90.000
#
_symmetry.space_group_name_H-M   'C 2 2 21'
#
loop_
_entity.id
_entity.type
_entity.pdbx_description
1 polymer "Isoform 2 of Uridine 5'-monophosphate synthase"
2 non-polymer "6-HYDROXYURIDINE-5'-PHOSPHATE"
3 non-polymer GLYCEROL
4 water water
#
_entity_poly.entity_id   1
_entity_poly.type   'polypeptide(L)'
_entity_poly.pdbx_seq_one_letter_code
;GAMELSFGARAELPRIHPVASKLLRLMQKKETNLCLSADVSLARELLQLADALGPSICMLKTHVDILNDFTLDVMKELIT
LAK(CSS)HEFLIFEDRKFADIGNTVKKQYEGGIFKIASWADLVNAHVVPGSGVVKGLQEVGLPLHRGCLLIAEMSSTGS
LATGDYTRAAVRMAEEHSEFVVGFISGSRVSMKPEFLHLTPGVQLEAGGDNLGQQYNSPQEVIGKRGSDIIIVGRGIISA
ADRLEAAEMYRKAAWEAYLSRLGV
;
_entity_poly.pdbx_strand_id   A
#
loop_
_chem_comp.id
_chem_comp.type
_chem_comp.name
_chem_comp.formula
BMP RNA linking 6-HYDROXYURIDINE-5'-PHOSPHATE 'C9 H13 N2 O10 P'
GOL non-polymer GLYCEROL 'C3 H8 O3'
#
# COMPACT_ATOMS: atom_id res chain seq x y z
N MET A 3 -2.59 25.12 3.71
CA MET A 3 -1.32 24.59 3.23
C MET A 3 -1.40 23.08 2.94
N GLU A 4 -2.53 22.44 3.28
N GLU A 4 -2.59 22.50 3.13
CA GLU A 4 -2.77 21.05 2.89
CA GLU A 4 -2.85 21.09 2.88
C GLU A 4 -3.07 21.02 1.39
C GLU A 4 -3.22 20.89 1.41
N LEU A 5 -2.38 20.16 0.68
CA LEU A 5 -2.46 20.04 -0.76
C LEU A 5 -3.32 18.86 -1.17
N SER A 6 -3.99 18.99 -2.31
CA SER A 6 -4.70 17.89 -2.92
C SER A 6 -3.74 16.77 -3.29
N PHE A 7 -4.30 15.59 -3.54
CA PHE A 7 -3.49 14.50 -4.06
C PHE A 7 -2.80 14.90 -5.37
N GLY A 8 -3.51 15.58 -6.26
N GLY A 8 -3.52 15.56 -6.27
CA GLY A 8 -2.91 15.97 -7.54
CA GLY A 8 -2.92 15.96 -7.53
C GLY A 8 -1.76 16.94 -7.39
C GLY A 8 -1.72 16.88 -7.34
N ALA A 9 -1.84 17.86 -6.44
N ALA A 9 -1.85 17.85 -6.43
CA ALA A 9 -0.71 18.75 -6.19
CA ALA A 9 -0.73 18.76 -6.17
C ALA A 9 0.42 18.02 -5.48
C ALA A 9 0.42 18.04 -5.48
N ARG A 10 0.11 17.12 -4.56
CA ARG A 10 1.17 16.34 -3.92
C ARG A 10 1.95 15.54 -4.95
N ALA A 11 1.28 15.07 -6.00
N ALA A 11 1.28 15.08 -6.01
CA ALA A 11 1.93 14.31 -7.06
CA ALA A 11 1.95 14.31 -7.05
C ALA A 11 3.04 15.10 -7.73
C ALA A 11 3.00 15.10 -7.80
N GLU A 12 2.99 16.42 -7.67
N GLU A 12 3.09 16.42 -7.59
CA GLU A 12 3.97 17.30 -8.30
CA GLU A 12 4.08 17.27 -8.26
C GLU A 12 5.06 17.79 -7.36
C GLU A 12 5.11 17.85 -7.30
N LEU A 13 5.02 17.41 -6.08
N LEU A 13 5.12 17.42 -6.04
CA LEU A 13 6.00 17.96 -5.14
CA LEU A 13 6.04 18.03 -5.09
C LEU A 13 7.42 17.66 -5.62
C LEU A 13 7.49 17.76 -5.47
N PRO A 14 8.36 18.58 -5.38
N PRO A 14 8.40 18.68 -5.15
CA PRO A 14 9.73 18.38 -5.87
CA PRO A 14 9.81 18.50 -5.54
C PRO A 14 10.36 17.08 -5.47
C PRO A 14 10.42 17.20 -5.09
N ARG A 15 10.14 16.62 -4.24
N ARG A 15 10.10 16.75 -3.88
CA ARG A 15 10.79 15.44 -3.72
CA ARG A 15 10.71 15.56 -3.30
C ARG A 15 9.94 14.18 -3.86
C ARG A 15 9.86 14.31 -3.49
N ILE A 16 8.83 14.24 -4.62
N ILE A 16 8.83 14.37 -4.34
CA ILE A 16 7.97 13.07 -4.73
CA ILE A 16 7.96 13.22 -4.53
C ILE A 16 8.70 11.93 -5.44
C ILE A 16 8.71 12.08 -5.19
N HIS A 17 8.49 10.72 -4.94
N HIS A 17 8.35 10.86 -4.80
CA HIS A 17 8.95 9.53 -5.63
CA HIS A 17 8.91 9.69 -5.45
C HIS A 17 8.06 9.25 -6.83
C HIS A 17 8.09 9.35 -6.69
N PRO A 18 8.60 8.80 -7.97
N PRO A 18 8.72 8.81 -7.74
CA PRO A 18 7.75 8.57 -9.14
CA PRO A 18 7.96 8.49 -8.96
C PRO A 18 6.62 7.59 -8.91
C PRO A 18 6.74 7.60 -8.74
N VAL A 19 6.80 6.60 -8.02
N VAL A 19 6.86 6.54 -7.93
CA VAL A 19 5.72 5.65 -7.77
CA VAL A 19 5.74 5.63 -7.74
C VAL A 19 4.61 6.35 -6.98
C VAL A 19 4.62 6.34 -6.98
N ALA A 20 4.99 7.14 -5.99
CA ALA A 20 4.01 7.94 -5.26
C ALA A 20 3.28 8.91 -6.18
N SER A 21 4.01 9.56 -7.09
N SER A 21 4.01 9.57 -7.09
CA SER A 21 3.39 10.49 -8.01
CA SER A 21 3.36 10.54 -7.97
C SER A 21 2.37 9.78 -8.90
C SER A 21 2.37 9.86 -8.91
N LYS A 22 2.73 8.62 -9.44
N LYS A 22 2.73 8.69 -9.45
CA LYS A 22 1.80 7.87 -10.27
CA LYS A 22 1.82 7.96 -10.31
C LYS A 22 0.53 7.55 -9.48
C LYS A 22 0.56 7.53 -9.56
N LEU A 23 0.71 7.08 -8.26
N LEU A 23 0.72 7.14 -8.29
CA LEU A 23 -0.42 6.74 -7.41
CA LEU A 23 -0.44 6.76 -7.49
C LEU A 23 -1.30 7.96 -7.15
C LEU A 23 -1.30 7.97 -7.17
N LEU A 24 -0.69 9.06 -6.71
CA LEU A 24 -1.46 10.25 -6.38
C LEU A 24 -2.24 10.79 -7.58
N ARG A 25 -1.63 10.75 -8.77
N ARG A 25 -1.65 10.72 -8.77
N ARG A 25 -1.62 10.71 -8.76
CA ARG A 25 -2.33 11.19 -9.97
CA ARG A 25 -2.35 11.19 -9.97
CA ARG A 25 -2.29 11.16 -9.97
C ARG A 25 -3.57 10.33 -10.23
C ARG A 25 -3.55 10.33 -10.28
C ARG A 25 -3.53 10.32 -10.27
N LEU A 26 -3.43 9.00 -10.15
CA LEU A 26 -4.59 8.16 -10.45
C LEU A 26 -5.65 8.26 -9.36
N MET A 27 -5.25 8.52 -8.11
N MET A 27 -5.22 8.48 -8.11
CA MET A 27 -6.22 8.78 -7.04
CA MET A 27 -6.17 8.71 -7.01
C MET A 27 -7.07 9.99 -7.39
C MET A 27 -7.08 9.89 -7.34
N GLN A 28 -6.41 11.08 -7.79
N GLN A 28 -6.48 10.99 -7.80
CA GLN A 28 -7.09 12.30 -8.16
CA GLN A 28 -7.27 12.18 -8.11
C GLN A 28 -7.98 12.08 -9.38
C GLN A 28 -8.10 11.98 -9.37
N LYS A 29 -7.49 11.37 -10.38
N LYS A 29 -7.52 11.40 -10.42
CA LYS A 29 -8.24 11.14 -11.62
CA LYS A 29 -8.24 11.27 -11.69
C LYS A 29 -9.51 10.36 -11.36
C LYS A 29 -9.43 10.34 -11.56
N LYS A 30 -9.39 9.29 -10.58
N LYS A 30 -9.34 9.32 -10.70
CA LYS A 30 -10.45 8.31 -10.38
CA LYS A 30 -10.43 8.36 -10.53
C LYS A 30 -11.31 8.60 -9.15
C LYS A 30 -11.31 8.66 -9.33
N GLU A 31 -10.98 9.64 -8.38
N GLU A 31 -10.88 9.56 -8.44
CA GLU A 31 -11.64 9.93 -7.11
CA GLU A 31 -11.63 9.89 -7.22
C GLU A 31 -11.70 8.67 -6.25
C GLU A 31 -11.68 8.68 -6.28
N THR A 32 -10.52 8.07 -6.06
CA THR A 32 -10.43 6.95 -5.13
C THR A 32 -9.16 7.00 -4.31
N ASN A 33 -9.34 6.77 -3.02
CA ASN A 33 -8.28 6.57 -2.05
C ASN A 33 -8.52 5.27 -1.28
N LEU A 34 -9.07 4.29 -1.99
CA LEU A 34 -9.33 2.95 -1.48
C LEU A 34 -8.32 1.95 -2.03
N CYS A 35 -7.69 1.21 -1.12
CA CYS A 35 -6.86 0.04 -1.43
C CYS A 35 -7.62 -1.22 -1.05
N LEU A 36 -7.90 -2.05 -2.02
CA LEU A 36 -8.55 -3.34 -1.75
C LEU A 36 -7.51 -4.31 -1.19
N SER A 37 -7.79 -4.91 -0.04
CA SER A 37 -6.96 -6.00 0.51
C SER A 37 -7.57 -7.30 0.02
N ALA A 38 -6.98 -7.83 -1.07
CA ALA A 38 -7.57 -8.94 -1.79
C ALA A 38 -7.14 -10.27 -1.14
N ASP A 39 -7.70 -10.53 0.05
N ASP A 39 -7.64 -10.44 0.08
CA ASP A 39 -7.20 -11.59 0.93
CA ASP A 39 -7.31 -11.58 0.92
C ASP A 39 -7.93 -12.91 0.65
C ASP A 39 -8.19 -12.75 0.49
N VAL A 40 -7.72 -13.42 -0.56
CA VAL A 40 -8.36 -14.60 -1.11
C VAL A 40 -7.30 -15.64 -1.43
N SER A 41 -7.74 -16.89 -1.53
CA SER A 41 -6.81 -17.99 -1.78
CA SER A 41 -6.85 -18.02 -1.76
C SER A 41 -6.86 -18.52 -3.20
N LEU A 42 -7.80 -18.08 -4.03
N LEU A 42 -7.75 -18.03 -4.05
CA LEU A 42 -7.93 -18.54 -5.41
CA LEU A 42 -7.96 -18.56 -5.40
C LEU A 42 -7.56 -17.47 -6.39
C LEU A 42 -7.63 -17.50 -6.43
N ALA A 43 -6.71 -17.81 -7.35
CA ALA A 43 -6.34 -16.88 -8.41
C ALA A 43 -7.53 -16.36 -9.19
N ARG A 44 -8.52 -17.22 -9.48
N ARG A 44 -8.49 -17.24 -9.50
CA ARG A 44 -9.66 -16.74 -10.26
CA ARG A 44 -9.63 -16.81 -10.30
C ARG A 44 -10.41 -15.67 -9.48
C ARG A 44 -10.46 -15.76 -9.58
N GLU A 45 -10.61 -15.87 -8.18
N GLU A 45 -10.54 -15.86 -8.24
CA GLU A 45 -11.29 -14.86 -7.38
CA GLU A 45 -11.28 -14.87 -7.47
C GLU A 45 -10.49 -13.57 -7.32
C GLU A 45 -10.49 -13.58 -7.33
N LEU A 46 -9.17 -13.68 -7.13
CA LEU A 46 -8.31 -12.50 -7.14
C LEU A 46 -8.49 -11.70 -8.42
N LEU A 47 -8.42 -12.38 -9.56
CA LEU A 47 -8.50 -11.71 -10.85
C LEU A 47 -9.90 -11.15 -11.11
N GLN A 48 -10.93 -11.89 -10.74
CA GLN A 48 -12.30 -11.38 -10.93
C GLN A 48 -12.55 -10.16 -10.05
N LEU A 49 -12.02 -10.15 -8.82
CA LEU A 49 -12.12 -8.96 -7.99
C LEU A 49 -11.34 -7.79 -8.59
N ALA A 50 -10.12 -8.04 -9.03
CA ALA A 50 -9.31 -6.98 -9.60
C ALA A 50 -9.98 -6.35 -10.82
N ASP A 51 -10.61 -7.17 -11.65
CA ASP A 51 -11.26 -6.64 -12.85
C ASP A 51 -12.49 -5.81 -12.49
N ALA A 52 -13.34 -6.36 -11.63
CA ALA A 52 -14.60 -5.69 -11.32
C ALA A 52 -14.42 -4.47 -10.46
N LEU A 53 -13.48 -4.53 -9.49
CA LEU A 53 -13.27 -3.46 -8.55
C LEU A 53 -12.17 -2.51 -9.01
N GLY A 54 -11.43 -2.85 -10.05
CA GLY A 54 -10.34 -2.01 -10.52
C GLY A 54 -10.69 -0.55 -10.66
N PRO A 55 -11.84 -0.22 -11.30
CA PRO A 55 -12.19 1.20 -11.45
C PRO A 55 -12.42 1.94 -10.16
N SER A 56 -12.71 1.23 -9.06
CA SER A 56 -13.04 1.82 -7.78
C SER A 56 -11.85 1.99 -6.85
N ILE A 57 -10.67 1.45 -7.20
CA ILE A 57 -9.55 1.37 -6.27
C ILE A 57 -8.34 2.11 -6.84
N CYS A 58 -7.51 2.60 -5.92
CA CYS A 58 -6.20 3.15 -6.31
C CYS A 58 -5.11 2.10 -6.25
N MET A 59 -5.37 0.98 -5.59
N MET A 59 -5.36 0.98 -5.57
CA MET A 59 -4.34 0.01 -5.25
CA MET A 59 -4.34 0.02 -5.26
C MET A 59 -5.02 -1.30 -4.91
C MET A 59 -4.98 -1.29 -4.86
N LEU A 60 -4.34 -2.39 -5.23
CA LEU A 60 -4.74 -3.73 -4.85
C LEU A 60 -3.58 -4.31 -4.06
N LYS A 61 -3.87 -4.67 -2.81
CA LYS A 61 -2.89 -5.24 -1.89
C LYS A 61 -3.06 -6.74 -1.90
N THR A 62 -1.95 -7.45 -2.15
N THR A 62 -1.97 -7.48 -2.13
CA THR A 62 -1.89 -8.90 -2.20
CA THR A 62 -2.04 -8.93 -2.25
C THR A 62 -1.21 -9.48 -0.98
C THR A 62 -1.10 -9.60 -1.25
N HIS A 63 -1.55 -10.73 -0.70
CA HIS A 63 -0.72 -11.63 0.11
C HIS A 63 -0.48 -12.86 -0.79
N VAL A 64 0.57 -12.77 -1.61
N VAL A 64 0.52 -12.82 -1.67
CA VAL A 64 0.84 -13.79 -2.61
CA VAL A 64 0.55 -13.96 -2.59
C VAL A 64 1.02 -15.15 -1.96
C VAL A 64 0.95 -15.26 -1.89
N ASP A 65 1.49 -15.19 -0.72
N ASP A 65 1.56 -15.19 -0.72
CA ASP A 65 1.80 -16.43 -0.02
CA ASP A 65 1.87 -16.41 0.01
C ASP A 65 0.58 -17.15 0.54
C ASP A 65 0.63 -17.06 0.62
N ILE A 66 -0.63 -16.61 0.38
N ILE A 66 -0.57 -16.62 0.25
CA ILE A 66 -1.85 -17.34 0.66
CA ILE A 66 -1.81 -17.26 0.64
C ILE A 66 -2.58 -17.78 -0.60
C ILE A 66 -2.53 -17.88 -0.56
N LEU A 67 -2.00 -17.52 -1.77
N LEU A 67 -2.18 -17.51 -1.79
CA LEU A 67 -2.65 -17.88 -3.04
CA LEU A 67 -2.83 -18.10 -2.94
C LEU A 67 -2.32 -19.34 -3.35
C LEU A 67 -2.51 -19.59 -3.04
N ASN A 68 -3.32 -20.24 -3.21
N ASN A 68 -3.54 -20.41 -3.25
CA ASN A 68 -3.05 -21.66 -3.32
CA ASN A 68 -3.32 -21.84 -3.43
C ASN A 68 -2.59 -22.07 -4.70
C ASN A 68 -2.56 -22.12 -4.72
N ASP A 69 -2.95 -21.28 -5.71
N ASP A 69 -2.95 -21.44 -5.80
CA ASP A 69 -2.64 -21.55 -7.11
CA ASP A 69 -2.50 -21.76 -7.15
C ASP A 69 -1.87 -20.38 -7.72
C ASP A 69 -1.69 -20.63 -7.76
N PHE A 70 -0.98 -19.78 -6.94
N PHE A 70 -0.87 -19.96 -6.94
CA PHE A 70 -0.02 -18.83 -7.46
CA PHE A 70 0.01 -18.93 -7.46
C PHE A 70 0.77 -19.42 -8.61
C PHE A 70 0.82 -19.44 -8.63
N THR A 71 0.93 -18.62 -9.67
CA THR A 71 1.98 -18.76 -10.67
C THR A 71 2.37 -17.36 -11.10
N LEU A 72 3.52 -17.22 -11.75
N LEU A 72 3.54 -17.25 -11.73
CA LEU A 72 3.87 -15.90 -12.27
CA LEU A 72 3.95 -15.96 -12.29
C LEU A 72 2.92 -15.46 -13.39
C LEU A 72 2.98 -15.49 -13.37
N ASP A 73 2.30 -16.40 -14.10
N ASP A 73 2.33 -16.41 -14.07
CA ASP A 73 1.30 -16.00 -15.08
CA ASP A 73 1.36 -16.04 -15.09
C ASP A 73 0.06 -15.40 -14.44
C ASP A 73 0.16 -15.31 -14.49
N VAL A 74 -0.29 -15.80 -13.22
N VAL A 74 -0.30 -15.72 -13.32
CA VAL A 74 -1.36 -15.10 -12.50
CA VAL A 74 -1.40 -15.01 -12.68
C VAL A 74 -0.99 -13.63 -12.37
C VAL A 74 -1.00 -13.56 -12.38
N MET A 75 0.27 -13.37 -11.99
CA MET A 75 0.67 -12.00 -11.73
CA MET A 75 0.75 -12.01 -11.74
C MET A 75 0.74 -11.20 -13.03
N LYS A 76 1.08 -11.83 -14.15
N LYS A 76 1.09 -11.83 -14.15
N LYS A 76 1.16 -11.81 -14.13
CA LYS A 76 1.07 -11.13 -15.42
CA LYS A 76 0.99 -11.17 -15.44
CA LYS A 76 1.04 -11.16 -15.43
C LYS A 76 -0.34 -10.68 -15.78
C LYS A 76 -0.44 -10.73 -15.72
C LYS A 76 -0.39 -10.72 -15.68
N GLU A 77 -1.34 -11.53 -15.52
N GLU A 77 -1.39 -11.61 -15.45
CA GLU A 77 -2.73 -11.14 -15.75
CA GLU A 77 -2.81 -11.26 -15.62
C GLU A 77 -3.17 -10.03 -14.78
C GLU A 77 -3.20 -10.10 -14.72
N LEU A 78 -2.74 -10.12 -13.52
N LEU A 78 -2.69 -10.05 -13.49
CA LEU A 78 -3.04 -9.06 -12.57
CA LEU A 78 -3.02 -8.98 -12.58
C LEU A 78 -2.45 -7.74 -13.05
C LEU A 78 -2.45 -7.65 -13.08
N ILE A 79 -1.25 -7.76 -13.63
N ILE A 79 -1.19 -7.66 -13.55
CA ILE A 79 -0.63 -6.55 -14.14
CA ILE A 79 -0.61 -6.47 -14.15
C ILE A 79 -1.44 -5.97 -15.29
C ILE A 79 -1.46 -5.96 -15.32
N THR A 80 -1.95 -6.81 -16.18
N THR A 80 -1.94 -6.86 -16.17
CA THR A 80 -2.78 -6.27 -17.26
CA THR A 80 -2.79 -6.39 -17.26
C THR A 80 -3.98 -5.55 -16.70
C THR A 80 -3.99 -5.63 -16.74
N LEU A 81 -4.62 -6.13 -15.68
CA LEU A 81 -5.77 -5.47 -15.09
C LEU A 81 -5.39 -4.16 -14.40
N ALA A 82 -4.24 -4.13 -13.72
N ALA A 82 -4.23 -4.14 -13.74
CA ALA A 82 -3.74 -2.92 -13.08
CA ALA A 82 -3.77 -2.94 -13.03
C ALA A 82 -3.51 -1.82 -14.11
C ALA A 82 -3.47 -1.79 -13.99
N LYS A 83 -2.90 -2.17 -15.24
N LYS A 83 -3.02 -2.11 -15.20
CA LYS A 83 -2.69 -1.22 -16.32
CA LYS A 83 -2.67 -1.06 -16.16
C LYS A 83 -4.03 -0.76 -16.89
C LYS A 83 -3.87 -0.64 -17.00
N CSS A 84 -4.95 -1.69 -17.14
N CSS A 84 -4.85 -1.53 -17.16
CA CSS A 84 -6.26 -1.37 -17.74
CA CSS A 84 -6.08 -1.18 -17.87
CB CSS A 84 -7.08 -2.65 -17.95
CB CSS A 84 -6.90 -2.40 -18.29
SG CSS A 84 -8.71 -2.40 -18.61
SG CSS A 84 -8.65 -2.22 -18.39
SD CSS A 84 -8.42 -1.70 -20.58
C CSS A 84 -7.06 -0.40 -16.90
C CSS A 84 -6.92 -0.30 -16.98
O CSS A 84 -7.59 0.61 -17.37
O CSS A 84 -7.28 0.85 -17.27
H CSS A 84 -4.86 -2.67 -16.96
H CSS A 84 -4.84 -2.48 -16.84
HA CSS A 84 -6.08 -0.80 -18.70
HA CSS A 84 -5.81 -0.57 -18.79
HB2 CSS A 84 -7.18 -3.16 -16.95
HB2 CSS A 84 -6.67 -3.22 -17.56
HB3 CSS A 84 -6.51 -3.32 -18.63
HB3 CSS A 84 -6.53 -2.72 -19.30
HD CSS A 84 -9.66 -1.51 -21.00
N HIS A 85 -7.17 -0.73 -15.62
N HIS A 85 -7.28 -0.87 -15.83
CA HIS A 85 -8.02 0.01 -14.71
CA HIS A 85 -8.17 -0.21 -14.90
C HIS A 85 -7.32 1.13 -13.95
C HIS A 85 -7.47 0.91 -14.15
N GLU A 86 -5.98 1.14 -14.02
N GLU A 86 -6.08 1.14 -13.95
CA GLU A 86 -5.11 2.13 -13.39
CA GLU A 86 -5.13 2.10 -13.40
C GLU A 86 -5.15 2.01 -11.86
C GLU A 86 -5.09 2.04 -11.88
N PHE A 87 -4.43 1.01 -11.36
CA PHE A 87 -4.19 0.88 -9.93
C PHE A 87 -2.80 0.30 -9.75
N LEU A 88 -2.20 0.53 -8.57
CA LEU A 88 -0.92 -0.08 -8.27
CA LEU A 88 -0.92 -0.07 -8.23
C LEU A 88 -1.12 -1.43 -7.57
N ILE A 89 -0.11 -2.29 -7.70
CA ILE A 89 -0.06 -3.58 -7.01
C ILE A 89 0.90 -3.47 -5.84
N PHE A 90 0.40 -3.78 -4.65
CA PHE A 90 1.17 -3.71 -3.39
C PHE A 90 1.21 -5.11 -2.79
N GLU A 91 2.37 -5.75 -2.80
CA GLU A 91 2.54 -7.04 -2.12
C GLU A 91 2.88 -6.79 -0.66
N ASP A 92 1.97 -7.22 0.21
N ASP A 92 1.96 -7.22 0.20
CA ASP A 92 2.03 -6.93 1.65
CA ASP A 92 2.03 -7.04 1.63
C ASP A 92 2.84 -8.00 2.38
C ASP A 92 2.81 -8.20 2.24
N ARG A 93 4.11 -8.07 2.00
N ARG A 93 4.13 -8.14 2.01
CA ARG A 93 5.02 -9.12 2.44
CA ARG A 93 5.03 -9.18 2.47
C ARG A 93 5.59 -8.85 3.82
C ARG A 93 5.64 -8.87 3.84
N LYS A 94 5.61 -7.60 4.28
CA LYS A 94 6.13 -7.25 5.59
C LYS A 94 7.54 -7.82 5.80
N PHE A 95 8.43 -7.50 4.87
CA PHE A 95 9.83 -7.87 5.03
C PHE A 95 10.31 -7.41 6.41
N ALA A 96 11.10 -8.26 7.08
CA ALA A 96 11.35 -8.04 8.49
C ALA A 96 12.58 -8.79 8.96
N ASP A 97 13.57 -8.89 8.08
CA ASP A 97 14.80 -9.64 8.31
C ASP A 97 15.99 -8.72 8.09
N ILE A 98 17.18 -9.29 8.30
CA ILE A 98 18.40 -8.55 8.00
C ILE A 98 18.44 -8.25 6.50
N GLY A 99 19.20 -7.19 6.16
CA GLY A 99 19.26 -6.75 4.78
C GLY A 99 19.67 -7.82 3.79
N ASN A 100 20.66 -8.66 4.16
N ASN A 100 20.69 -8.62 4.14
CA ASN A 100 21.14 -9.64 3.21
CA ASN A 100 21.15 -9.67 3.23
C ASN A 100 20.10 -10.70 2.89
C ASN A 100 20.02 -10.60 2.85
N THR A 101 19.21 -10.98 3.84
CA THR A 101 18.13 -11.94 3.62
C THR A 101 17.00 -11.33 2.81
N VAL A 102 16.56 -10.12 3.17
CA VAL A 102 15.37 -9.58 2.51
C VAL A 102 15.64 -9.30 1.03
N LYS A 103 16.88 -8.99 0.65
N LYS A 103 16.89 -8.97 0.68
CA LYS A 103 17.10 -8.75 -0.78
CA LYS A 103 17.26 -8.75 -0.71
C LYS A 103 16.77 -9.99 -1.60
C LYS A 103 16.86 -9.95 -1.56
N LYS A 104 17.13 -11.15 -1.07
N LYS A 104 17.11 -11.16 -1.06
CA LYS A 104 16.86 -12.41 -1.75
CA LYS A 104 16.82 -12.39 -1.78
C LYS A 104 15.37 -12.73 -1.73
C LYS A 104 15.34 -12.76 -1.72
N GLN A 105 14.70 -12.48 -0.61
N GLN A 105 14.66 -12.45 -0.61
CA GLN A 105 13.27 -12.72 -0.49
CA GLN A 105 13.23 -12.69 -0.50
C GLN A 105 12.47 -11.85 -1.45
C GLN A 105 12.41 -11.76 -1.38
N TYR A 106 12.96 -10.64 -1.71
N TYR A 106 12.99 -10.63 -1.79
CA TYR A 106 12.26 -9.70 -2.59
CA TYR A 106 12.32 -9.63 -2.62
C TYR A 106 12.47 -10.05 -4.06
C TYR A 106 12.52 -9.90 -4.10
N GLU A 107 13.70 -10.37 -4.45
N GLU A 107 13.70 -10.34 -4.50
CA GLU A 107 14.00 -10.61 -5.85
CA GLU A 107 14.00 -10.61 -5.90
C GLU A 107 13.68 -12.02 -6.32
C GLU A 107 13.68 -12.03 -6.33
N GLY A 108 13.88 -13.00 -5.45
CA GLY A 108 14.02 -14.39 -5.84
C GLY A 108 12.92 -15.30 -5.40
N GLY A 109 13.31 -16.58 -5.25
N GLY A 109 13.30 -16.55 -5.12
CA GLY A 109 12.40 -17.61 -4.93
CA GLY A 109 12.31 -17.53 -4.72
C GLY A 109 11.31 -17.77 -5.97
C GLY A 109 11.40 -17.88 -5.89
N ILE A 110 10.24 -18.48 -5.57
CA ILE A 110 9.14 -18.78 -6.48
CA ILE A 110 9.26 -18.71 -6.60
C ILE A 110 8.38 -17.50 -6.85
N PHE A 111 8.25 -16.57 -5.91
N PHE A 111 8.25 -16.59 -5.88
CA PHE A 111 7.32 -15.45 -6.11
CA PHE A 111 7.36 -15.46 -6.05
C PHE A 111 7.88 -14.33 -6.95
C PHE A 111 7.93 -14.42 -7.02
N LYS A 112 9.21 -14.14 -6.98
N LYS A 112 9.22 -14.14 -6.93
CA LYS A 112 9.84 -13.02 -7.70
CA LYS A 112 9.83 -13.03 -7.67
C LYS A 112 9.06 -11.72 -7.49
C LYS A 112 9.02 -11.75 -7.48
N ILE A 113 8.86 -11.35 -6.22
CA ILE A 113 7.96 -10.24 -5.89
C ILE A 113 8.33 -8.97 -6.63
N ALA A 114 9.63 -8.62 -6.66
CA ALA A 114 10.03 -7.36 -7.26
C ALA A 114 9.66 -7.26 -8.72
N SER A 115 9.48 -8.39 -9.40
CA SER A 115 9.18 -8.37 -10.83
CA SER A 115 9.19 -8.36 -10.83
C SER A 115 7.77 -7.86 -11.13
N TRP A 116 6.84 -7.92 -10.17
CA TRP A 116 5.45 -7.57 -10.42
C TRP A 116 4.86 -6.58 -9.42
N ALA A 117 5.44 -6.38 -8.25
CA ALA A 117 4.84 -5.50 -7.25
C ALA A 117 5.40 -4.08 -7.40
N ASP A 118 4.51 -3.11 -7.62
N ASP A 118 4.50 -3.11 -7.58
CA ASP A 118 4.92 -1.71 -7.59
CA ASP A 118 4.92 -1.71 -7.60
C ASP A 118 5.47 -1.34 -6.23
C ASP A 118 5.39 -1.26 -6.23
N LEU A 119 4.75 -1.77 -5.18
CA LEU A 119 5.04 -1.44 -3.79
C LEU A 119 5.19 -2.73 -3.00
N VAL A 120 6.08 -2.68 -2.02
CA VAL A 120 6.16 -3.64 -0.92
C VAL A 120 6.23 -2.87 0.37
N ASN A 121 6.25 -3.57 1.49
CA ASN A 121 6.40 -2.95 2.78
C ASN A 121 7.39 -3.73 3.64
N ALA A 122 7.79 -3.06 4.71
CA ALA A 122 8.78 -3.60 5.65
C ALA A 122 8.48 -3.14 7.05
N HIS A 123 8.76 -4.03 8.00
CA HIS A 123 8.88 -3.65 9.38
C HIS A 123 10.24 -3.02 9.63
N VAL A 124 10.28 -2.10 10.59
CA VAL A 124 11.49 -1.36 10.88
C VAL A 124 12.32 -1.98 12.01
N VAL A 125 11.79 -2.99 12.69
CA VAL A 125 12.46 -3.61 13.81
C VAL A 125 13.90 -4.06 13.53
N PRO A 126 14.29 -4.52 12.34
CA PRO A 126 15.70 -4.92 12.17
C PRO A 126 16.68 -3.78 12.11
N GLY A 127 16.21 -2.54 12.07
CA GLY A 127 17.07 -1.40 11.76
C GLY A 127 17.11 -1.17 10.26
N SER A 128 17.82 -0.10 9.85
CA SER A 128 17.70 0.38 8.48
C SER A 128 18.32 -0.53 7.44
N GLY A 129 19.09 -1.55 7.85
CA GLY A 129 19.53 -2.52 6.88
C GLY A 129 18.41 -3.23 6.15
N VAL A 130 17.22 -3.33 6.77
CA VAL A 130 16.10 -3.94 6.04
C VAL A 130 15.79 -3.12 4.79
N VAL A 131 15.82 -1.79 4.91
CA VAL A 131 15.54 -0.92 3.79
C VAL A 131 16.69 -0.95 2.80
N LYS A 132 17.93 -0.92 3.31
N LYS A 132 17.93 -0.89 3.31
N LYS A 132 17.92 -0.91 3.31
CA LYS A 132 19.09 -0.93 2.41
CA LYS A 132 19.08 -0.94 2.41
CA LYS A 132 19.09 -0.94 2.42
C LYS A 132 19.18 -2.22 1.61
C LYS A 132 19.09 -2.21 1.58
C LYS A 132 19.10 -2.21 1.59
N GLY A 133 18.76 -3.35 2.19
CA GLY A 133 18.73 -4.58 1.43
C GLY A 133 17.65 -4.57 0.36
N LEU A 134 16.44 -4.14 0.72
CA LEU A 134 15.38 -4.08 -0.28
C LEU A 134 15.72 -3.12 -1.41
N GLN A 135 16.29 -1.97 -1.07
N GLN A 135 16.40 -2.01 -1.07
CA GLN A 135 16.50 -0.95 -2.09
CA GLN A 135 16.79 -1.01 -2.07
C GLN A 135 17.57 -1.36 -3.09
C GLN A 135 17.65 -1.62 -3.15
N GLU A 136 18.45 -2.30 -2.72
N GLU A 136 18.56 -2.51 -2.78
CA GLU A 136 19.42 -2.82 -3.68
CA GLU A 136 19.48 -3.06 -3.76
C GLU A 136 18.76 -3.55 -4.83
C GLU A 136 18.72 -3.56 -4.98
N VAL A 137 17.58 -4.10 -4.59
N VAL A 137 17.57 -4.19 -4.76
CA VAL A 137 16.75 -4.72 -5.61
CA VAL A 137 16.72 -4.72 -5.82
C VAL A 137 15.76 -3.72 -6.19
C VAL A 137 15.69 -3.70 -6.27
N GLY A 138 15.11 -2.94 -5.33
N GLY A 138 15.07 -2.99 -5.32
CA GLY A 138 13.98 -2.13 -5.74
CA GLY A 138 13.94 -2.15 -5.64
C GLY A 138 14.35 -0.84 -6.42
C GLY A 138 14.31 -0.94 -6.47
N LEU A 139 15.49 -0.22 -6.10
N LEU A 139 15.44 -0.31 -6.18
CA LEU A 139 15.87 0.98 -6.82
CA LEU A 139 15.74 0.96 -6.83
C LEU A 139 16.11 0.70 -8.30
C LEU A 139 16.09 0.75 -8.31
N PRO A 140 16.85 -0.34 -8.68
N PRO A 140 16.89 -0.26 -8.66
CA PRO A 140 17.03 -0.58 -10.13
CA PRO A 140 17.06 -0.54 -10.09
C PRO A 140 15.71 -0.81 -10.85
C PRO A 140 15.79 -1.03 -10.76
N LEU A 141 14.74 -1.41 -10.18
N LEU A 141 14.85 -1.59 -10.00
CA LEU A 141 13.45 -1.74 -10.79
CA LEU A 141 13.58 -2.02 -10.56
C LEU A 141 12.43 -0.64 -10.59
C LEU A 141 12.51 -0.95 -10.41
N HIS A 142 12.86 0.52 -10.09
N HIS A 142 12.88 0.25 -9.98
CA HIS A 142 11.98 1.68 -9.99
CA HIS A 142 11.99 1.40 -10.08
C HIS A 142 10.77 1.41 -9.10
C HIS A 142 10.75 1.22 -9.20
N ARG A 143 10.97 0.61 -8.05
N ARG A 143 10.95 0.62 -8.03
CA ARG A 143 9.92 0.27 -7.10
CA ARG A 143 9.88 0.27 -7.11
C ARG A 143 9.89 1.22 -5.92
C ARG A 143 9.87 1.22 -5.92
N GLY A 144 8.82 1.10 -5.10
CA GLY A 144 8.73 1.83 -3.86
C GLY A 144 8.43 0.90 -2.69
N CYS A 145 8.61 1.46 -1.50
N CYS A 145 8.63 1.43 -1.48
CA CYS A 145 8.41 0.73 -0.26
CA CYS A 145 8.43 0.69 -0.24
C CYS A 145 7.66 1.56 0.76
C CYS A 145 7.72 1.54 0.79
N LEU A 146 6.87 0.89 1.58
CA LEU A 146 6.16 1.49 2.70
C LEU A 146 6.71 0.91 4.00
N LEU A 147 6.90 1.74 5.00
CA LEU A 147 7.37 1.29 6.30
C LEU A 147 6.21 1.20 7.29
N ILE A 148 6.18 0.14 8.10
CA ILE A 148 5.11 -0.09 9.05
C ILE A 148 5.42 0.68 10.32
N ALA A 149 4.74 1.82 10.50
CA ALA A 149 4.97 2.70 11.60
C ALA A 149 4.03 2.46 12.78
N GLU A 150 2.84 1.95 12.51
CA GLU A 150 1.84 1.62 13.52
C GLU A 150 1.09 0.40 12.99
N MET A 151 0.48 -0.38 13.89
CA MET A 151 -0.37 -1.50 13.51
C MET A 151 -1.73 -1.36 14.17
N SER A 152 -2.72 -1.99 13.55
N SER A 152 -2.75 -1.97 13.55
CA SER A 152 -4.12 -1.88 13.96
CA SER A 152 -4.11 -1.84 14.03
C SER A 152 -4.52 -2.84 15.07
C SER A 152 -4.53 -2.95 14.99
N SER A 153 -3.69 -3.83 15.34
N SER A 153 -3.63 -3.87 15.32
CA SER A 153 -4.05 -4.97 16.15
CA SER A 153 -3.98 -5.02 16.14
C SER A 153 -3.77 -4.73 17.63
C SER A 153 -3.79 -4.72 17.63
N THR A 154 -4.55 -5.44 18.45
CA THR A 154 -4.47 -5.29 19.89
CA THR A 154 -4.48 -5.29 19.89
C THR A 154 -3.11 -5.71 20.41
N GLY A 155 -2.50 -4.85 21.20
CA GLY A 155 -1.19 -5.13 21.74
C GLY A 155 -0.03 -4.71 20.87
N SER A 156 -0.29 -4.03 19.75
CA SER A 156 0.79 -3.59 18.88
C SER A 156 1.85 -2.85 19.67
N LEU A 157 3.11 -3.18 19.36
CA LEU A 157 4.26 -2.52 19.94
C LEU A 157 4.81 -1.41 19.05
N ALA A 158 4.13 -1.13 17.93
CA ALA A 158 4.57 -0.09 17.01
C ALA A 158 3.98 1.25 17.45
N THR A 159 4.53 1.76 18.56
CA THR A 159 4.04 2.94 19.23
C THR A 159 5.23 3.78 19.66
N GLY A 160 4.96 5.03 20.04
CA GLY A 160 5.97 5.83 20.71
C GLY A 160 7.25 5.95 19.91
N ASP A 161 8.37 5.64 20.58
N ASP A 161 8.37 5.62 20.57
CA ASP A 161 9.67 5.78 19.93
CA ASP A 161 9.70 5.75 19.98
C ASP A 161 9.84 4.85 18.75
C ASP A 161 9.91 4.80 18.80
N TYR A 162 9.13 3.72 18.71
CA TYR A 162 9.20 2.82 17.57
C TYR A 162 8.62 3.51 16.34
N THR A 163 7.45 4.13 16.48
CA THR A 163 6.84 4.88 15.40
C THR A 163 7.76 6.02 14.94
N ARG A 164 8.36 6.73 15.89
N ARG A 164 8.32 6.76 15.89
CA ARG A 164 9.28 7.79 15.52
CA ARG A 164 9.19 7.88 15.53
C ARG A 164 10.48 7.25 14.73
C ARG A 164 10.42 7.40 14.78
N ALA A 165 11.00 6.09 15.12
N ALA A 165 10.92 6.20 15.10
CA ALA A 165 12.11 5.49 14.39
CA ALA A 165 12.05 5.65 14.38
C ALA A 165 11.70 5.15 12.97
C ALA A 165 11.66 5.25 12.96
N ALA A 166 10.47 4.69 12.78
CA ALA A 166 10.01 4.38 11.44
C ALA A 166 9.97 5.63 10.58
N VAL A 167 9.47 6.73 11.14
CA VAL A 167 9.40 7.98 10.38
C VAL A 167 10.79 8.45 10.00
N ARG A 168 11.74 8.42 10.95
N ARG A 168 11.75 8.41 10.95
CA ARG A 168 13.10 8.81 10.62
CA ARG A 168 13.10 8.84 10.65
C ARG A 168 13.68 7.94 9.51
C ARG A 168 13.74 7.95 9.58
N MET A 169 13.50 6.63 9.64
N MET A 169 13.48 6.64 9.64
CA MET A 169 14.06 5.72 8.66
CA MET A 169 13.99 5.75 8.62
C MET A 169 13.52 6.01 7.26
C MET A 169 13.42 6.09 7.26
N ALA A 170 12.26 6.41 7.16
N ALA A 170 12.08 6.21 7.19
CA ALA A 170 11.71 6.79 5.86
CA ALA A 170 11.45 6.56 5.92
C ALA A 170 12.41 8.03 5.31
C ALA A 170 12.00 7.85 5.37
N GLU A 171 12.65 9.03 6.16
N GLU A 171 12.09 8.88 6.21
CA GLU A 171 13.30 10.26 5.71
CA GLU A 171 12.49 10.21 5.75
C GLU A 171 14.70 9.99 5.20
C GLU A 171 13.96 10.24 5.32
N GLU A 172 15.41 9.07 5.86
N GLU A 172 14.79 9.34 5.87
CA GLU A 172 16.77 8.72 5.46
CA GLU A 172 16.20 9.22 5.51
C GLU A 172 16.81 7.88 4.19
C GLU A 172 16.45 8.30 4.34
N HIS A 173 15.67 7.39 3.71
N HIS A 173 15.42 7.64 3.82
CA HIS A 173 15.64 6.48 2.57
CA HIS A 173 15.54 6.76 2.66
C HIS A 173 14.55 6.88 1.60
C HIS A 173 14.49 7.11 1.62
N SER A 174 14.34 8.18 1.43
N SER A 174 14.39 8.41 1.30
CA SER A 174 13.24 8.69 0.62
CA SER A 174 13.30 8.90 0.46
C SER A 174 13.44 8.47 -0.87
C SER A 174 13.41 8.44 -0.99
N GLU A 175 14.60 7.96 -1.29
N GLU A 175 14.60 8.02 -1.44
N GLU A 175 14.57 7.99 -1.38
CA GLU A 175 14.76 7.54 -2.68
CA GLU A 175 14.70 7.53 -2.81
CA GLU A 175 14.71 7.52 -2.76
C GLU A 175 13.96 6.28 -2.99
C GLU A 175 13.96 6.22 -3.03
C GLU A 175 13.92 6.24 -3.02
N PHE A 176 13.59 5.53 -1.96
CA PHE A 176 12.89 4.24 -2.09
C PHE A 176 11.61 4.19 -1.27
N VAL A 177 11.62 4.76 -0.07
CA VAL A 177 10.46 4.72 0.82
C VAL A 177 9.52 5.85 0.46
N VAL A 178 8.27 5.49 0.19
CA VAL A 178 7.26 6.44 -0.28
C VAL A 178 6.18 6.70 0.74
N GLY A 179 6.23 6.05 1.89
CA GLY A 179 5.21 6.28 2.88
C GLY A 179 5.15 5.18 3.92
N PHE A 180 4.01 5.11 4.55
CA PHE A 180 3.80 4.34 5.76
C PHE A 180 2.53 3.52 5.71
N ILE A 181 2.58 2.39 6.42
CA ILE A 181 1.41 1.73 6.95
C ILE A 181 1.26 2.27 8.37
N SER A 182 0.14 2.91 8.66
N SER A 182 0.13 2.91 8.66
CA SER A 182 -0.04 3.55 9.96
CA SER A 182 -0.07 3.56 9.94
C SER A 182 -1.53 3.69 10.24
C SER A 182 -1.54 3.88 10.12
N GLY A 183 -1.85 4.10 11.47
N GLY A 183 -1.95 4.01 11.38
CA GLY A 183 -3.25 4.35 11.80
CA GLY A 183 -3.32 4.33 11.72
C GLY A 183 -3.66 5.79 11.63
C GLY A 183 -3.63 5.81 11.79
N SER A 184 -2.70 6.66 11.39
CA SER A 184 -2.86 8.10 11.40
CA SER A 184 -2.84 8.11 11.45
C SER A 184 -1.72 8.70 10.62
N ARG A 185 -1.79 9.99 10.36
N ARG A 185 -1.83 9.98 10.32
CA ARG A 185 -0.67 10.72 9.81
CA ARG A 185 -0.68 10.77 9.91
C ARG A 185 0.46 10.74 10.84
C ARG A 185 0.43 10.56 10.94
N VAL A 186 1.62 10.18 10.47
CA VAL A 186 2.79 10.11 11.33
C VAL A 186 3.92 11.01 10.87
N SER A 187 3.97 11.37 9.59
CA SER A 187 4.94 12.31 9.08
C SER A 187 4.23 13.59 8.68
N MET A 188 4.84 14.74 8.93
N MET A 188 4.92 14.68 8.96
CA MET A 188 4.24 15.98 8.42
CA MET A 188 4.55 16.02 8.58
C MET A 188 4.66 16.32 6.99
C MET A 188 5.02 16.39 7.18
N LYS A 189 5.55 15.54 6.40
N LYS A 189 5.66 15.48 6.47
CA LYS A 189 6.04 15.81 5.05
CA LYS A 189 6.16 15.78 5.14
C LYS A 189 5.05 15.26 4.04
C LYS A 189 5.14 15.31 4.12
N PRO A 190 4.43 16.10 3.19
N PRO A 190 4.66 16.18 3.23
CA PRO A 190 3.34 15.62 2.31
CA PRO A 190 3.50 15.84 2.39
C PRO A 190 3.80 14.75 1.17
C PRO A 190 3.82 14.90 1.24
N GLU A 191 5.11 14.57 1.00
N GLU A 191 5.10 14.65 0.95
CA GLU A 191 5.63 13.64 0.01
CA GLU A 191 5.46 13.73 -0.12
C GLU A 191 5.41 12.19 0.41
C GLU A 191 5.28 12.27 0.30
N PHE A 192 5.07 11.92 1.65
N PHE A 192 5.09 11.99 1.58
CA PHE A 192 4.88 10.56 2.12
CA PHE A 192 4.85 10.63 2.03
C PHE A 192 3.40 10.21 2.19
C PHE A 192 3.37 10.30 1.99
N LEU A 193 3.08 9.04 1.66
CA LEU A 193 1.75 8.47 1.72
CA LEU A 193 1.73 8.53 1.73
C LEU A 193 1.49 7.85 3.08
N HIS A 194 0.26 7.93 3.56
N HIS A 194 0.24 7.89 3.54
CA HIS A 194 -0.21 7.20 4.73
CA HIS A 194 -0.20 7.19 4.74
C HIS A 194 -1.34 6.26 4.33
C HIS A 194 -1.35 6.26 4.39
N LEU A 195 -1.12 4.95 4.53
CA LEU A 195 -2.11 3.94 4.23
C LEU A 195 -2.53 3.27 5.53
N THR A 196 -3.84 3.16 5.74
CA THR A 196 -4.37 2.71 7.02
C THR A 196 -5.28 1.51 6.86
N PRO A 197 -4.86 0.35 7.40
CA PRO A 197 -5.71 -0.84 7.51
C PRO A 197 -6.46 -0.82 8.82
N GLY A 198 -7.23 -1.89 9.06
CA GLY A 198 -8.12 -1.89 10.20
C GLY A 198 -9.32 -0.96 10.01
N VAL A 199 -9.95 -1.06 8.84
CA VAL A 199 -11.03 -0.16 8.47
C VAL A 199 -12.30 -0.95 8.12
N GLN A 200 -13.41 -0.55 8.74
N GLN A 200 -13.42 -0.54 8.72
CA GLN A 200 -14.76 -1.01 8.40
CA GLN A 200 -14.73 -1.01 8.30
C GLN A 200 -15.71 0.15 8.65
C GLN A 200 -15.76 0.03 8.74
N LEU A 201 -16.89 0.09 8.01
CA LEU A 201 -17.90 1.11 8.30
C LEU A 201 -18.47 0.96 9.69
N GLU A 202 -18.68 -0.28 10.14
CA GLU A 202 -19.27 -0.55 11.45
C GLU A 202 -18.18 -0.81 12.48
N ALA A 203 -18.48 -0.49 13.73
CA ALA A 203 -17.58 -0.79 14.84
C ALA A 203 -17.41 -2.30 14.97
N GLY A 204 -16.22 -2.71 15.42
CA GLY A 204 -15.96 -4.09 15.71
C GLY A 204 -14.51 -4.45 15.56
N GLY A 205 -14.29 -5.74 15.39
CA GLY A 205 -12.96 -6.29 15.31
C GLY A 205 -13.08 -7.72 14.83
N ASP A 206 -12.03 -8.50 15.02
N ASP A 206 -12.03 -8.51 15.05
CA ASP A 206 -12.12 -9.95 14.83
CA ASP A 206 -12.08 -9.95 14.83
C ASP A 206 -11.70 -10.65 16.11
C ASP A 206 -11.55 -10.66 16.07
N ASN A 207 -11.65 -11.98 16.07
CA ASN A 207 -11.33 -12.78 17.24
CA ASN A 207 -11.31 -12.74 17.27
C ASN A 207 -9.84 -13.04 17.39
N LEU A 208 -9.02 -12.41 16.59
N LEU A 208 -9.01 -12.40 16.59
CA LEU A 208 -7.57 -12.56 16.56
CA LEU A 208 -7.56 -12.61 16.61
C LEU A 208 -6.88 -11.21 16.57
C LEU A 208 -6.81 -11.28 16.72
N GLY A 209 -7.44 -10.27 17.33
CA GLY A 209 -6.77 -9.01 17.60
C GLY A 209 -7.00 -7.87 16.62
N GLN A 210 -7.72 -8.08 15.53
CA GLN A 210 -8.00 -6.95 14.64
C GLN A 210 -8.98 -6.01 15.32
N GLN A 211 -8.77 -4.71 15.07
N GLN A 211 -8.79 -4.70 15.12
CA GLN A 211 -9.62 -3.64 15.56
CA GLN A 211 -9.76 -3.73 15.62
C GLN A 211 -9.98 -2.74 14.39
C GLN A 211 -9.96 -2.65 14.57
N TYR A 212 -11.26 -2.34 14.28
N TYR A 212 -11.22 -2.28 14.32
CA TYR A 212 -11.70 -1.51 13.19
CA TYR A 212 -11.59 -1.47 13.18
C TYR A 212 -12.01 -0.08 13.62
C TYR A 212 -11.96 -0.05 13.58
N ASN A 213 -11.71 0.83 12.70
N ASN A 213 -11.64 0.89 12.70
CA ASN A 213 -12.16 2.22 12.75
CA ASN A 213 -12.14 2.25 12.74
C ASN A 213 -12.74 2.57 11.39
C ASN A 213 -12.74 2.58 11.38
N SER A 214 -13.55 3.63 11.35
CA SER A 214 -14.24 3.96 10.11
C SER A 214 -13.38 4.81 9.17
N PRO A 215 -13.75 4.84 7.88
N PRO A 215 -13.78 4.89 7.90
CA PRO A 215 -13.05 5.74 6.95
CA PRO A 215 -13.09 5.82 6.97
C PRO A 215 -13.10 7.19 7.37
C PRO A 215 -13.05 7.26 7.48
N GLN A 216 -14.23 7.66 7.92
N GLN A 216 -14.18 7.81 7.93
CA GLN A 216 -14.28 9.04 8.37
CA GLN A 216 -14.18 9.18 8.46
C GLN A 216 -13.29 9.29 9.50
C GLN A 216 -13.21 9.31 9.62
N GLU A 217 -13.20 8.38 10.46
N GLU A 217 -13.08 8.26 10.43
CA GLU A 217 -12.24 8.51 11.55
CA GLU A 217 -12.20 8.34 11.60
C GLU A 217 -10.82 8.54 11.00
C GLU A 217 -10.74 8.37 11.17
N VAL A 218 -10.49 7.59 10.14
N VAL A 218 -10.35 7.55 10.20
CA VAL A 218 -9.10 7.35 9.75
CA VAL A 218 -8.93 7.46 9.86
C VAL A 218 -8.59 8.45 8.85
C VAL A 218 -8.50 8.45 8.79
N ILE A 219 -9.35 8.78 7.83
CA ILE A 219 -8.99 9.78 6.83
C ILE A 219 -9.29 11.17 7.35
N GLY A 220 -10.50 11.38 7.87
N GLY A 220 -10.46 11.37 7.94
CA GLY A 220 -10.98 12.71 8.23
CA GLY A 220 -10.83 12.65 8.51
C GLY A 220 -10.40 13.21 9.52
C GLY A 220 -10.06 12.97 9.78
N LYS A 221 -10.38 12.39 10.57
N LYS A 221 -10.44 12.36 10.89
CA LYS A 221 -9.89 12.83 11.87
CA LYS A 221 -9.89 12.76 12.18
C LYS A 221 -8.40 12.53 12.08
C LYS A 221 -8.42 12.40 12.34
N ARG A 222 -7.93 11.34 11.69
CA ARG A 222 -6.56 10.91 11.92
C ARG A 222 -5.61 11.32 10.79
N GLY A 223 -6.12 11.86 9.69
CA GLY A 223 -5.29 12.45 8.67
C GLY A 223 -4.59 11.50 7.71
N SER A 224 -5.02 10.26 7.62
CA SER A 224 -4.41 9.34 6.69
CA SER A 224 -4.40 9.34 6.68
C SER A 224 -4.87 9.62 5.26
N ASP A 225 -4.19 9.02 4.29
CA ASP A 225 -4.51 9.23 2.90
C ASP A 225 -5.40 8.18 2.27
N ILE A 226 -5.12 6.90 2.56
CA ILE A 226 -5.70 5.76 1.88
C ILE A 226 -6.21 4.78 2.92
N ILE A 227 -7.40 4.22 2.70
CA ILE A 227 -7.87 3.11 3.53
C ILE A 227 -7.58 1.80 2.85
N ILE A 228 -7.17 0.81 3.66
CA ILE A 228 -6.96 -0.56 3.22
C ILE A 228 -8.10 -1.39 3.82
N VAL A 229 -8.89 -2.03 2.97
CA VAL A 229 -10.10 -2.75 3.40
C VAL A 229 -10.08 -4.14 2.82
N GLY A 230 -10.16 -5.15 3.70
CA GLY A 230 -10.26 -6.55 3.33
C GLY A 230 -11.68 -7.05 3.50
N ARG A 231 -11.94 -7.69 4.63
CA ARG A 231 -13.22 -8.38 4.87
C ARG A 231 -14.45 -7.47 4.73
N GLY A 232 -14.34 -6.19 5.04
CA GLY A 232 -15.48 -5.31 4.86
C GLY A 232 -16.00 -5.30 3.43
N ILE A 233 -15.12 -5.54 2.48
CA ILE A 233 -15.47 -5.75 1.09
C ILE A 233 -15.58 -7.23 0.76
N ILE A 234 -14.52 -8.01 1.03
N ILE A 234 -14.54 -8.03 1.00
CA ILE A 234 -14.39 -9.37 0.52
CA ILE A 234 -14.52 -9.34 0.40
C ILE A 234 -15.56 -10.25 0.98
C ILE A 234 -15.50 -10.34 1.02
N SER A 235 -15.98 -10.10 2.24
CA SER A 235 -17.00 -10.97 2.80
C SER A 235 -18.42 -10.52 2.43
N ALA A 236 -18.58 -9.33 1.87
CA ALA A 236 -19.89 -8.86 1.43
C ALA A 236 -20.37 -9.67 0.23
N ALA A 237 -21.69 -9.72 0.05
CA ALA A 237 -22.21 -10.42 -1.11
C ALA A 237 -21.81 -9.70 -2.40
N ASP A 238 -22.14 -8.42 -2.49
CA ASP A 238 -21.81 -7.62 -3.67
C ASP A 238 -20.56 -6.82 -3.35
N ARG A 239 -19.41 -7.37 -3.78
N ARG A 239 -19.43 -7.30 -3.82
CA ARG A 239 -18.13 -6.72 -3.49
CA ARG A 239 -18.20 -6.65 -3.45
C ARG A 239 -18.00 -5.39 -4.23
C ARG A 239 -17.90 -5.43 -4.30
N LEU A 240 -18.62 -5.24 -5.40
CA LEU A 240 -18.50 -3.99 -6.15
C LEU A 240 -19.22 -2.87 -5.39
N GLU A 241 -20.46 -3.11 -4.96
N GLU A 241 -20.47 -3.12 -4.98
CA GLU A 241 -21.14 -2.07 -4.19
CA GLU A 241 -21.18 -2.13 -4.18
C GLU A 241 -20.44 -1.81 -2.86
C GLU A 241 -20.41 -1.82 -2.90
N ALA A 242 -19.89 -2.84 -2.22
CA ALA A 242 -19.15 -2.60 -0.99
C ALA A 242 -17.94 -1.72 -1.27
N ALA A 243 -17.19 -2.02 -2.34
CA ALA A 243 -16.05 -1.18 -2.66
C ALA A 243 -16.48 0.26 -2.92
N GLU A 244 -17.59 0.46 -3.64
CA GLU A 244 -18.07 1.81 -3.89
C GLU A 244 -18.43 2.53 -2.59
N MET A 245 -19.04 1.84 -1.63
CA MET A 245 -19.35 2.46 -0.35
C MET A 245 -18.08 2.93 0.34
N TYR A 246 -17.05 2.07 0.37
CA TYR A 246 -15.80 2.45 1.00
C TYR A 246 -15.09 3.56 0.24
N ARG A 247 -15.11 3.50 -1.09
CA ARG A 247 -14.49 4.57 -1.88
C ARG A 247 -15.14 5.91 -1.59
N LYS A 248 -16.47 5.94 -1.62
N LYS A 248 -16.47 5.94 -1.62
CA LYS A 248 -17.17 7.20 -1.40
CA LYS A 248 -17.17 7.20 -1.41
C LYS A 248 -16.90 7.73 -0.01
C LYS A 248 -16.97 7.73 0.00
N ALA A 249 -16.86 6.83 0.99
CA ALA A 249 -16.59 7.24 2.36
C ALA A 249 -15.20 7.86 2.48
N ALA A 250 -14.19 7.17 1.96
CA ALA A 250 -12.82 7.68 2.09
C ALA A 250 -12.62 8.95 1.29
N TRP A 251 -13.25 9.04 0.12
CA TRP A 251 -13.02 10.20 -0.73
C TRP A 251 -13.65 11.43 -0.13
N GLU A 252 -14.88 11.32 0.39
CA GLU A 252 -15.53 12.47 1.00
C GLU A 252 -14.81 12.91 2.26
N ALA A 253 -14.28 11.95 3.04
CA ALA A 253 -13.54 12.32 4.24
C ALA A 253 -12.30 13.11 3.87
N TYR A 254 -11.63 12.72 2.77
CA TYR A 254 -10.48 13.46 2.27
C TYR A 254 -10.89 14.85 1.82
N LEU A 255 -11.97 14.96 1.03
CA LEU A 255 -12.39 16.28 0.55
C LEU A 255 -12.72 17.21 1.69
N SER A 256 -13.40 16.68 2.71
N SER A 256 -13.41 16.67 2.71
CA SER A 256 -13.85 17.53 3.80
CA SER A 256 -13.82 17.50 3.83
C SER A 256 -12.67 18.03 4.60
C SER A 256 -12.62 18.00 4.61
N ARG A 257 -11.67 17.17 4.80
N ARG A 257 -11.61 17.15 4.80
CA ARG A 257 -10.45 17.60 5.46
CA ARG A 257 -10.39 17.55 5.48
C ARG A 257 -9.76 18.67 4.63
C ARG A 257 -9.59 18.54 4.63
N LEU A 258 -9.76 18.51 3.31
CA LEU A 258 -9.10 19.46 2.44
C LEU A 258 -9.84 20.79 2.39
N GLY A 259 -11.11 20.80 2.74
CA GLY A 259 -11.89 22.03 2.67
C GLY A 259 -12.32 22.36 1.26
P BMP B . -9.29 -6.81 7.08
OP1 BMP B . -9.88 -5.50 6.57
OP2 BMP B . -9.21 -6.85 8.59
OP3 BMP B . -9.99 -8.01 6.50
O5' BMP B . -7.81 -6.93 6.47
C5' BMP B . -6.76 -6.09 6.94
C4' BMP B . -5.59 -6.32 6.03
O4' BMP B . -4.55 -5.36 6.29
C3' BMP B . -4.96 -7.70 6.17
O3' BMP B . -4.44 -8.19 4.94
C2' BMP B . -3.83 -7.46 7.16
O2' BMP B . -2.77 -8.38 6.93
C1' BMP B . -3.41 -6.00 6.87
N1 BMP B . -2.91 -5.22 8.01
C2 BMP B . -3.70 -5.01 9.13
O2 BMP B . -4.84 -5.50 9.20
N3 BMP B . -3.21 -4.25 10.11
C4 BMP B . -1.97 -3.63 10.09
O4 BMP B . -1.68 -2.88 11.06
C5 BMP B . -1.17 -3.84 8.98
C6 BMP B . -1.66 -4.55 7.90
O1 BMP B . -1.07 -4.67 6.80
H5' BMP B . -6.50 -6.35 7.97
H5'' BMP B . -7.07 -5.04 6.92
H4' BMP B . -5.90 -6.17 4.99
H3' BMP B . -5.70 -8.39 6.58
HO3' BMP B . -4.89 -9.02 4.71
H2' BMP B . -4.18 -7.47 8.20
HO2' BMP B . -2.52 -8.38 6.00
H1' BMP B . -2.60 -6.04 6.12
HN3 BMP B . -3.79 -4.13 10.96
C1 GOL C . 5.02 8.31 23.75
O1 GOL C . 6.38 8.02 23.60
C2 GOL C . 4.53 8.84 22.39
O2 GOL C . 4.49 10.21 22.34
C3 GOL C . 3.13 8.23 22.19
O3 GOL C . 2.62 8.77 21.00
H11 GOL C . 4.84 8.97 24.43
H12 GOL C . 4.50 7.53 24.00
HO1 GOL C . 6.80 8.68 23.93
H2 GOL C . 5.14 8.56 21.69
HO2 GOL C . 3.86 10.44 21.81
H31 GOL C . 2.58 8.42 22.97
H32 GOL C . 3.20 7.26 22.17
HO3 GOL C . 2.45 8.13 20.48
C1 GOL D . 1.50 -1.85 -13.43
O1 GOL D . 1.09 -3.08 -12.95
C2 GOL D . 0.92 -0.73 -12.56
O2 GOL D . 1.94 0.17 -12.26
C3 GOL D . -0.25 -0.14 -13.38
O3 GOL D . -0.76 0.96 -12.69
H11 GOL D . 1.21 -1.71 -14.35
H12 GOL D . 2.47 -1.78 -13.44
HO1 GOL D . 1.69 -3.33 -12.41
H2 GOL D . 0.57 -1.06 -11.71
HO2 GOL D . 2.45 -0.18 -11.68
H31 GOL D . -0.90 -0.83 -13.53
H32 GOL D . 0.09 0.09 -14.27
HO3 GOL D . -1.21 0.66 -12.04
#